data_6P9V
#
_entry.id   6P9V
#
_cell.length_a   66.348
_cell.length_b   94.624
_cell.length_c   116.573
_cell.angle_alpha   90.000
_cell.angle_beta   90.000
_cell.angle_gamma   90.000
#
_symmetry.space_group_name_H-M   'I 2 2 2'
#
loop_
_entity.id
_entity.type
_entity.pdbx_description
1 polymer 'S-adenosylmethionine synthase isoform type-2'
2 non-polymer ADENOSINE
3 non-polymer 'POTASSIUM ION'
4 non-polymer 'MAGNESIUM ION'
5 non-polymer 'PYROPHOSPHATE 2-'
6 water water
#
_entity_poly.entity_id   1
_entity_poly.type   'polypeptide(L)'
_entity_poly.pdbx_seq_one_letter_code
;MGSSHHHHHHSSGLVPRGSHMNGQLNGFHEAFIEEGTFLFTSESVGEGHPDKICDQISDAVLDAHLQQDPDAKVACETVA
KTGMILLAGEITSRAAVDYQKVVREAVKHIGYDDSSKGFDYKTCNVLVALEQQSPDIAQGVHLDRNEEDIGAGDQGLMFG
YATDETEECMPLTIVLAHKLNAKLAELRRNGTLPWLRPDSKTQVTVQYMQDRGAVLPIRVHTIVISVQHDEEVCLDEMRD
ALKEKVIKAVVPAKYLDEDTIYHLQPSGRFVIGGPQGDAGLTGRKIIVDTYGGWGAHGGGAFSGKDYTLVDRSAAYAARW
VAKSLVKGGLCRRVLVQVSYAIGVSHPLSISIFHYGTSQKSERELLEIVKKNFDLRPGVIVRDLDLKKPIYQRTAAYGHF
GRDSFPWEVPKKLKY
;
_entity_poly.pdbx_strand_id   A
#
# COMPACT_ATOMS: atom_id res chain seq x y z
N GLY A 36 14.92 -18.07 21.88
CA GLY A 36 13.90 -18.24 20.86
C GLY A 36 13.27 -16.93 20.39
N THR A 37 13.82 -15.81 20.86
CA THR A 37 13.36 -14.49 20.49
C THR A 37 14.20 -13.88 19.38
N PHE A 38 13.59 -12.94 18.66
CA PHE A 38 14.26 -12.24 17.58
C PHE A 38 13.60 -10.87 17.42
N LEU A 39 14.29 -9.99 16.73
CA LEU A 39 13.77 -8.67 16.38
C LEU A 39 13.28 -8.65 14.94
N PHE A 40 12.30 -7.80 14.67
CA PHE A 40 11.89 -7.51 13.31
C PHE A 40 11.47 -6.05 13.26
N THR A 41 11.85 -5.38 12.17
CA THR A 41 11.63 -3.95 11.99
C THR A 41 10.81 -3.70 10.74
N SER A 42 9.85 -2.78 10.84
CA SER A 42 9.14 -2.26 9.68
C SER A 42 9.06 -0.74 9.77
N GLU A 43 8.89 -0.11 8.62
CA GLU A 43 8.71 1.34 8.56
C GLU A 43 7.40 1.69 7.87
N SER A 44 7.00 2.95 8.04
CA SER A 44 5.91 3.56 7.28
C SER A 44 6.26 5.02 7.05
N VAL A 45 5.50 5.67 6.16
CA VAL A 45 5.69 7.09 5.90
C VAL A 45 4.32 7.75 5.87
N GLY A 46 4.33 9.08 6.03
CA GLY A 46 3.10 9.84 6.04
C GLY A 46 2.62 10.23 4.66
N GLU A 47 1.44 10.84 4.64
CA GLU A 47 0.81 11.25 3.39
C GLU A 47 1.66 12.26 2.62
N GLY A 48 2.46 13.07 3.32
CA GLY A 48 3.31 14.04 2.66
C GLY A 48 4.74 13.63 2.44
N HIS A 49 5.10 12.39 2.70
CA HIS A 49 6.39 11.90 2.25
C HIS A 49 6.41 11.98 0.73
N PRO A 50 7.48 12.48 0.11
CA PRO A 50 7.41 12.75 -1.34
C PRO A 50 7.05 11.54 -2.18
N ASP A 51 7.50 10.33 -1.81
CA ASP A 51 7.12 9.14 -2.57
C ASP A 51 5.63 8.85 -2.43
N LYS A 52 5.09 8.94 -1.21
CA LYS A 52 3.67 8.72 -1.00
C LYS A 52 2.81 9.78 -1.66
N ILE A 53 3.28 11.02 -1.74
CA ILE A 53 2.58 12.05 -2.51
C ILE A 53 2.34 11.55 -3.93
N CYS A 54 3.40 11.01 -4.55
CA CYS A 54 3.29 10.53 -5.92
C CYS A 54 2.27 9.40 -6.04
N ASP A 55 2.31 8.43 -5.12
CA ASP A 55 1.33 7.36 -5.13
C ASP A 55 -0.10 7.88 -5.06
N GLN A 56 -0.36 8.85 -4.17
CA GLN A 56 -1.71 9.39 -4.02
C GLN A 56 -2.17 10.13 -5.27
N ILE A 57 -1.29 10.90 -5.89
CA ILE A 57 -1.65 11.60 -7.12
C ILE A 57 -1.93 10.61 -8.24
N SER A 58 -1.06 9.61 -8.40
CA SER A 58 -1.29 8.59 -9.41
C SER A 58 -2.66 7.94 -9.26
N ASP A 59 -3.05 7.62 -8.03
CA ASP A 59 -4.35 7.00 -7.81
C ASP A 59 -5.50 8.00 -7.90
N ALA A 60 -5.24 9.28 -7.62
CA ALA A 60 -6.24 10.31 -7.91
C ALA A 60 -6.53 10.40 -9.40
N VAL A 61 -5.48 10.31 -10.22
CA VAL A 61 -5.66 10.29 -11.67
C VAL A 61 -6.43 9.05 -12.10
N LEU A 62 -6.03 7.89 -11.60
CA LEU A 62 -6.76 6.65 -11.88
C LEU A 62 -8.23 6.78 -11.51
N ASP A 63 -8.53 7.23 -10.29
CA ASP A 63 -9.92 7.36 -9.86
C ASP A 63 -10.70 8.31 -10.75
N ALA A 64 -10.08 9.43 -11.16
CA ALA A 64 -10.77 10.39 -12.01
C ALA A 64 -11.21 9.76 -13.33
N HIS A 65 -10.34 8.97 -13.95
CA HIS A 65 -10.72 8.27 -15.18
C HIS A 65 -11.84 7.27 -14.92
N LEU A 66 -11.70 6.44 -13.89
CA LEU A 66 -12.69 5.41 -13.64
C LEU A 66 -14.06 5.99 -13.32
N GLN A 67 -14.11 7.20 -12.75
CA GLN A 67 -15.41 7.82 -12.49
C GLN A 67 -16.18 8.03 -13.78
N GLN A 68 -15.47 8.32 -14.88
CA GLN A 68 -16.09 8.52 -16.19
C GLN A 68 -16.04 7.30 -17.09
N ASP A 69 -15.00 6.47 -17.00
CA ASP A 69 -14.81 5.34 -17.89
C ASP A 69 -14.32 4.15 -17.07
N PRO A 70 -15.23 3.27 -16.64
CA PRO A 70 -14.81 2.12 -15.84
C PRO A 70 -13.79 1.22 -16.51
N ASP A 71 -13.66 1.27 -17.84
CA ASP A 71 -12.71 0.44 -18.56
C ASP A 71 -11.47 1.20 -18.99
N ALA A 72 -11.22 2.35 -18.37
CA ALA A 72 -9.99 3.10 -18.64
C ALA A 72 -8.76 2.23 -18.42
N LYS A 73 -7.79 2.36 -19.31
CA LYS A 73 -6.48 1.74 -19.18
C LYS A 73 -5.50 2.80 -18.69
N VAL A 74 -4.97 2.62 -17.48
CA VAL A 74 -4.21 3.65 -16.79
C VAL A 74 -2.90 3.06 -16.29
N ALA A 75 -1.81 3.76 -16.55
CA ALA A 75 -0.44 3.44 -16.13
C ALA A 75 0.24 4.78 -15.88
N CYS A 76 -0.12 5.41 -14.76
CA CYS A 76 0.26 6.79 -14.45
C CYS A 76 1.39 6.83 -13.43
N GLU A 77 2.57 7.25 -13.86
CA GLU A 77 3.68 7.48 -12.96
C GLU A 77 3.67 8.96 -12.58
N THR A 78 4.04 9.25 -11.32
CA THR A 78 4.18 10.62 -10.85
C THR A 78 5.59 10.86 -10.32
N VAL A 79 6.11 12.05 -10.60
CA VAL A 79 7.41 12.47 -10.10
C VAL A 79 7.23 13.80 -9.39
N ALA A 80 7.82 13.93 -8.21
CA ALA A 80 7.71 15.14 -7.42
C ALA A 80 9.10 15.60 -7.01
N LYS A 81 9.38 16.88 -7.24
CA LYS A 81 10.56 17.54 -6.74
C LYS A 81 10.15 18.97 -6.43
N THR A 82 11.08 19.76 -5.90
CA THR A 82 10.77 21.14 -5.52
C THR A 82 9.91 21.81 -6.58
N GLY A 83 8.72 22.23 -6.19
CA GLY A 83 7.86 23.00 -7.07
C GLY A 83 7.27 22.27 -8.25
N MET A 84 7.41 20.95 -8.34
CA MET A 84 7.06 20.22 -9.57
C MET A 84 6.29 18.95 -9.27
N ILE A 85 5.18 18.78 -9.97
CA ILE A 85 4.54 17.49 -10.16
C ILE A 85 4.60 17.18 -11.65
N LEU A 86 5.21 16.05 -12.00
CA LEU A 86 5.21 15.55 -13.37
C LEU A 86 4.39 14.26 -13.46
N LEU A 87 3.47 14.21 -14.41
CA LEU A 87 2.76 12.97 -14.76
C LEU A 87 3.37 12.37 -16.02
N ALA A 88 3.72 11.09 -15.96
CA ALA A 88 4.30 10.38 -17.09
C ALA A 88 3.69 8.99 -17.17
N GLY A 89 3.41 8.53 -18.39
CA GLY A 89 2.83 7.22 -18.57
C GLY A 89 1.83 7.12 -19.69
N GLU A 90 0.92 6.16 -19.57
CA GLU A 90 0.07 5.73 -20.69
C GLU A 90 -1.36 5.59 -20.19
N ILE A 91 -2.28 6.31 -20.84
CA ILE A 91 -3.69 6.27 -20.50
C ILE A 91 -4.50 6.20 -21.79
N THR A 92 -5.40 5.22 -21.87
CA THR A 92 -6.41 5.16 -22.92
C THR A 92 -7.78 5.12 -22.26
N SER A 93 -8.58 6.17 -22.49
CA SER A 93 -9.81 6.38 -21.74
C SER A 93 -10.75 7.28 -22.53
N ARG A 94 -12.05 7.07 -22.34
CA ARG A 94 -13.06 7.96 -22.90
C ARG A 94 -13.30 9.17 -22.00
N ALA A 95 -12.71 9.19 -20.81
CA ALA A 95 -12.88 10.30 -19.88
C ALA A 95 -12.21 11.58 -20.38
N ALA A 96 -12.74 12.71 -19.92
CA ALA A 96 -12.10 14.01 -20.03
C ALA A 96 -11.72 14.44 -18.61
N VAL A 97 -10.42 14.42 -18.32
CA VAL A 97 -9.91 14.63 -16.96
C VAL A 97 -9.11 15.93 -16.93
N ASP A 98 -9.39 16.78 -15.94
CA ASP A 98 -8.63 18.02 -15.74
C ASP A 98 -7.48 17.70 -14.79
N TYR A 99 -6.32 17.39 -15.38
CA TYR A 99 -5.17 16.98 -14.57
C TYR A 99 -4.72 18.06 -13.60
N GLN A 100 -4.78 19.32 -14.02
CA GLN A 100 -4.40 20.41 -13.11
C GLN A 100 -5.23 20.36 -11.83
N LYS A 101 -6.55 20.24 -11.97
CA LYS A 101 -7.43 20.20 -10.80
C LYS A 101 -7.20 18.95 -9.96
N VAL A 102 -7.12 17.79 -10.61
CA VAL A 102 -7.00 16.53 -9.87
C VAL A 102 -5.70 16.51 -9.06
N VAL A 103 -4.59 16.90 -9.68
CA VAL A 103 -3.31 16.89 -8.97
C VAL A 103 -3.36 17.87 -7.80
N ARG A 104 -3.79 19.11 -8.08
CA ARG A 104 -3.76 20.15 -7.05
C ARG A 104 -4.71 19.83 -5.91
N GLU A 105 -5.88 19.26 -6.22
CA GLU A 105 -6.79 18.86 -5.16
C GLU A 105 -6.18 17.78 -4.28
N ALA A 106 -5.43 16.85 -4.89
CA ALA A 106 -4.78 15.82 -4.09
C ALA A 106 -3.73 16.45 -3.16
N VAL A 107 -2.92 17.37 -3.68
CA VAL A 107 -1.90 18.01 -2.87
C VAL A 107 -2.54 18.85 -1.76
N LYS A 108 -3.63 19.55 -2.08
CA LYS A 108 -4.37 20.27 -1.04
C LYS A 108 -4.80 19.33 0.09
N HIS A 109 -5.38 18.19 -0.27
CA HIS A 109 -5.85 17.25 0.74
C HIS A 109 -4.69 16.80 1.64
N ILE A 110 -3.52 16.57 1.06
CA ILE A 110 -2.36 16.17 1.85
C ILE A 110 -1.96 17.24 2.83
N GLY A 111 -2.11 18.52 2.46
CA GLY A 111 -1.85 19.64 3.36
C GLY A 111 -0.76 20.59 2.91
N TYR A 112 -0.18 20.44 1.72
CA TYR A 112 0.87 21.34 1.26
C TYR A 112 0.19 22.51 0.55
N ASP A 113 -0.05 23.57 1.31
CA ASP A 113 -0.88 24.70 0.88
C ASP A 113 -0.23 26.05 1.14
N ASP A 114 1.10 26.08 1.29
CA ASP A 114 1.78 27.35 1.53
C ASP A 114 3.28 27.15 1.33
N SER A 115 3.92 28.19 0.79
CA SER A 115 5.37 28.14 0.56
C SER A 115 6.13 27.95 1.86
N SER A 116 5.57 28.41 2.99
CA SER A 116 6.23 28.20 4.27
C SER A 116 6.38 26.72 4.60
N LYS A 117 5.54 25.87 4.02
CA LYS A 117 5.58 24.44 4.27
C LYS A 117 6.47 23.71 3.26
N GLY A 118 6.99 24.41 2.25
CA GLY A 118 7.87 23.85 1.26
C GLY A 118 7.20 23.48 -0.05
N PHE A 119 5.87 23.55 -0.12
CA PHE A 119 5.13 23.13 -1.29
C PHE A 119 3.72 23.69 -1.17
N ASP A 120 3.16 24.12 -2.30
CA ASP A 120 1.83 24.72 -2.31
C ASP A 120 1.10 24.28 -3.57
N TYR A 121 -0.05 23.62 -3.38
CA TYR A 121 -0.86 23.19 -4.51
C TYR A 121 -1.27 24.35 -5.41
N LYS A 122 -1.38 25.55 -4.85
CA LYS A 122 -1.88 26.68 -5.64
C LYS A 122 -0.87 27.12 -6.69
N THR A 123 0.42 26.96 -6.41
CA THR A 123 1.46 27.64 -7.20
C THR A 123 2.54 26.70 -7.71
N CYS A 124 2.46 25.40 -7.45
CA CYS A 124 3.46 24.49 -8.00
C CYS A 124 3.26 24.30 -9.50
N ASN A 125 4.32 23.79 -10.15
CA ASN A 125 4.26 23.38 -11.54
C ASN A 125 3.67 21.99 -11.66
N VAL A 126 2.71 21.82 -12.57
CA VAL A 126 2.20 20.51 -12.96
C VAL A 126 2.48 20.29 -14.44
N LEU A 127 3.27 19.27 -14.74
CA LEU A 127 3.70 18.93 -16.09
C LEU A 127 3.10 17.58 -16.45
N VAL A 128 2.67 17.42 -17.69
CA VAL A 128 1.99 16.21 -18.12
C VAL A 128 2.69 15.66 -19.36
N ALA A 129 3.15 14.41 -19.27
CA ALA A 129 3.76 13.68 -20.38
C ALA A 129 3.05 12.33 -20.53
N LEU A 130 1.77 12.40 -20.87
CA LEU A 130 0.92 11.22 -20.97
C LEU A 130 0.56 10.96 -22.42
N GLU A 131 0.62 9.68 -22.80
CA GLU A 131 0.36 9.25 -24.17
CA GLU A 131 0.36 9.24 -24.17
C GLU A 131 -0.65 8.09 -24.14
N GLN A 132 -1.06 7.65 -25.31
CA GLN A 132 -1.93 6.49 -25.37
C GLN A 132 -1.15 5.23 -24.99
N GLN A 133 -1.89 4.22 -24.55
CA GLN A 133 -1.30 2.89 -24.42
C GLN A 133 -0.72 2.45 -25.76
N SER A 134 0.47 1.86 -25.72
CA SER A 134 1.07 1.31 -26.92
C SER A 134 0.06 0.43 -27.68
N PRO A 135 -0.14 0.66 -28.98
CA PRO A 135 -1.06 -0.22 -29.72
CA PRO A 135 -1.06 -0.22 -29.72
C PRO A 135 -0.62 -1.67 -29.74
N ASP A 136 0.69 -1.92 -29.65
CA ASP A 136 1.18 -3.30 -29.58
C ASP A 136 0.75 -3.96 -28.28
N ILE A 137 0.79 -3.22 -27.17
CA ILE A 137 0.26 -3.73 -25.91
C ILE A 137 -1.25 -3.92 -26.01
N ALA A 138 -1.97 -2.92 -26.53
CA ALA A 138 -3.43 -3.01 -26.59
C ALA A 138 -3.89 -4.26 -27.33
N GLN A 139 -3.30 -4.53 -28.50
CA GLN A 139 -3.74 -5.67 -29.29
C GLN A 139 -3.45 -7.01 -28.60
N GLY A 140 -2.38 -7.05 -27.79
CA GLY A 140 -1.99 -8.28 -27.12
C GLY A 140 -2.65 -8.59 -25.79
N VAL A 141 -3.25 -7.60 -25.13
CA VAL A 141 -3.79 -7.79 -23.78
C VAL A 141 -5.30 -7.90 -23.77
N HIS A 142 -6.02 -6.93 -24.36
CA HIS A 142 -7.45 -6.82 -24.12
C HIS A 142 -8.31 -6.58 -25.35
N LEU A 143 -7.76 -6.09 -26.45
CA LEU A 143 -8.59 -5.78 -27.61
CA LEU A 143 -8.59 -5.79 -27.63
C LEU A 143 -9.25 -7.06 -28.16
N ASP A 144 -10.57 -7.01 -28.29
CA ASP A 144 -11.36 -8.10 -28.85
C ASP A 144 -11.35 -9.35 -27.97
N ARG A 145 -11.20 -9.19 -26.65
CA ARG A 145 -11.18 -10.31 -25.73
CA ARG A 145 -11.18 -10.30 -25.72
C ARG A 145 -12.29 -10.11 -24.69
N ASN A 146 -13.20 -11.08 -24.62
CA ASN A 146 -14.23 -11.11 -23.60
C ASN A 146 -13.62 -10.77 -22.24
N GLU A 147 -14.35 -9.95 -21.47
CA GLU A 147 -13.78 -9.43 -20.22
C GLU A 147 -13.30 -10.56 -19.32
N GLU A 148 -14.06 -11.65 -19.24
N GLU A 148 -14.05 -11.66 -19.23
CA GLU A 148 -13.70 -12.76 -18.35
CA GLU A 148 -13.66 -12.71 -18.30
C GLU A 148 -12.33 -13.32 -18.69
C GLU A 148 -12.32 -13.34 -18.68
N ASP A 149 -12.02 -13.44 -19.98
CA ASP A 149 -10.79 -14.08 -20.45
C ASP A 149 -9.77 -13.07 -20.98
N ILE A 150 -9.78 -11.84 -20.46
CA ILE A 150 -8.75 -10.89 -20.83
CA ILE A 150 -8.75 -10.87 -20.80
C ILE A 150 -7.40 -11.40 -20.37
N GLY A 151 -6.35 -11.04 -21.11
CA GLY A 151 -5.02 -11.44 -20.72
C GLY A 151 -4.46 -10.54 -19.64
N ALA A 152 -3.48 -11.06 -18.90
CA ALA A 152 -2.70 -10.22 -18.01
C ALA A 152 -2.09 -9.06 -18.77
N GLY A 153 -2.06 -7.88 -18.14
CA GLY A 153 -1.49 -6.71 -18.78
C GLY A 153 0.02 -6.70 -18.83
N ASP A 154 0.65 -7.65 -18.15
CA ASP A 154 2.10 -7.80 -18.16
C ASP A 154 2.41 -9.18 -17.60
N GLN A 155 3.66 -9.61 -17.79
CA GLN A 155 4.16 -10.70 -16.96
C GLN A 155 4.40 -10.19 -15.53
N GLY A 156 4.69 -11.12 -14.64
CA GLY A 156 5.22 -10.76 -13.34
C GLY A 156 4.78 -11.76 -12.28
N LEU A 157 5.31 -11.53 -11.08
CA LEU A 157 5.02 -12.34 -9.90
C LEU A 157 4.49 -11.45 -8.80
N MET A 158 3.65 -12.02 -7.93
CA MET A 158 2.98 -11.27 -6.87
C MET A 158 2.82 -12.18 -5.66
N PHE A 159 2.87 -11.59 -4.47
CA PHE A 159 2.67 -12.35 -3.24
C PHE A 159 1.54 -11.77 -2.39
N GLY A 160 0.85 -12.68 -1.70
CA GLY A 160 -0.06 -12.32 -0.64
C GLY A 160 0.45 -12.92 0.66
N TYR A 161 0.10 -12.27 1.78
CA TYR A 161 0.57 -12.73 3.08
C TYR A 161 -0.49 -12.42 4.12
N ALA A 162 -0.58 -13.29 5.13
CA ALA A 162 -1.44 -13.05 6.28
C ALA A 162 -0.85 -13.72 7.51
N THR A 163 -1.08 -13.10 8.66
CA THR A 163 -0.56 -13.60 9.93
C THR A 163 -1.62 -13.36 11.00
N ASP A 164 -1.88 -14.36 11.84
CA ASP A 164 -2.90 -14.24 12.88
C ASP A 164 -2.45 -13.43 14.08
N GLU A 165 -1.30 -12.76 14.03
CA GLU A 165 -0.79 -12.03 15.19
C GLU A 165 -1.61 -10.78 15.49
N THR A 166 -2.39 -10.28 14.54
CA THR A 166 -3.33 -9.19 14.76
C THR A 166 -4.69 -9.55 14.18
N GLU A 167 -5.73 -8.88 14.69
CA GLU A 167 -7.08 -9.14 14.21
C GLU A 167 -7.19 -8.90 12.71
N GLU A 168 -6.51 -7.89 12.19
CA GLU A 168 -6.55 -7.57 10.78
C GLU A 168 -5.59 -8.44 9.96
N CYS A 169 -4.91 -9.40 10.60
CA CYS A 169 -4.09 -10.40 9.94
C CYS A 169 -2.86 -9.79 9.29
N MET A 170 -2.30 -8.77 9.92
CA MET A 170 -1.12 -8.08 9.45
C MET A 170 -0.01 -8.13 10.51
N PRO A 171 1.25 -7.98 10.10
CA PRO A 171 2.32 -7.92 11.10
C PRO A 171 2.16 -6.71 11.99
N LEU A 172 2.37 -6.92 13.29
CA LEU A 172 2.24 -5.82 14.24
C LEU A 172 3.21 -4.69 13.95
N THR A 173 4.44 -5.02 13.53
CA THR A 173 5.43 -3.99 13.22
C THR A 173 4.89 -2.93 12.27
N ILE A 174 4.33 -3.36 11.14
CA ILE A 174 3.87 -2.40 10.14
C ILE A 174 2.53 -1.77 10.52
N VAL A 175 1.65 -2.52 11.20
CA VAL A 175 0.40 -1.93 11.66
C VAL A 175 0.70 -0.73 12.56
N LEU A 176 1.58 -0.93 13.55
CA LEU A 176 1.94 0.16 14.45
C LEU A 176 2.60 1.31 13.68
N ALA A 177 3.49 0.98 12.74
CA ALA A 177 4.16 2.02 11.98
C ALA A 177 3.16 2.88 11.21
N HIS A 178 2.18 2.26 10.56
CA HIS A 178 1.16 3.04 9.85
C HIS A 178 0.37 3.91 10.83
N LYS A 179 -0.06 3.33 11.95
CA LYS A 179 -0.88 4.08 12.90
C LYS A 179 -0.15 5.27 13.49
N LEU A 180 1.18 5.18 13.66
CA LEU A 180 1.92 6.33 14.15
C LEU A 180 1.87 7.50 13.17
N ASN A 181 2.01 7.23 11.87
CA ASN A 181 1.85 8.28 10.87
C ASN A 181 0.42 8.80 10.83
N ALA A 182 -0.57 7.92 10.95
CA ALA A 182 -1.96 8.38 10.93
C ALA A 182 -2.24 9.30 12.11
N LYS A 183 -1.68 8.99 13.28
CA LYS A 183 -1.85 9.85 14.45
C LYS A 183 -1.25 11.23 14.21
N LEU A 184 -0.05 11.27 13.62
CA LEU A 184 0.55 12.56 13.28
C LEU A 184 -0.38 13.35 12.37
N ALA A 185 -0.92 12.72 11.32
CA ALA A 185 -1.81 13.44 10.43
C ALA A 185 -3.06 13.90 11.16
N GLU A 186 -3.58 13.06 12.07
CA GLU A 186 -4.77 13.44 12.82
C GLU A 186 -4.51 14.67 13.69
N LEU A 187 -3.38 14.69 14.40
CA LEU A 187 -3.08 15.78 15.30
C LEU A 187 -2.64 17.04 14.56
N ARG A 188 -2.10 16.87 13.35
CA ARG A 188 -1.84 18.03 12.49
C ARG A 188 -3.15 18.67 12.03
N ARG A 189 -4.07 17.87 11.49
CA ARG A 189 -5.28 18.43 10.90
C ARG A 189 -6.24 18.97 11.95
N ASN A 190 -6.26 18.41 13.16
CA ASN A 190 -7.16 18.89 14.21
C ASN A 190 -6.54 20.00 15.05
N GLY A 191 -5.33 20.44 14.74
CA GLY A 191 -4.72 21.58 15.38
C GLY A 191 -4.14 21.32 16.76
N THR A 192 -4.12 20.06 17.22
CA THR A 192 -3.49 19.75 18.49
C THR A 192 -2.00 20.09 18.45
N LEU A 193 -1.34 19.79 17.32
CA LEU A 193 0.08 20.07 17.12
C LEU A 193 0.23 20.89 15.85
N PRO A 194 -0.08 22.19 15.92
CA PRO A 194 -0.06 23.00 14.68
C PRO A 194 1.31 23.11 14.04
N TRP A 195 2.37 22.77 14.76
CA TRP A 195 3.72 22.84 14.19
C TRP A 195 4.06 21.67 13.28
N LEU A 196 3.24 20.61 13.27
CA LEU A 196 3.51 19.49 12.39
C LEU A 196 3.28 19.85 10.93
N ARG A 197 4.05 19.21 10.07
CA ARG A 197 3.93 19.32 8.62
CA ARG A 197 3.88 19.32 8.63
C ARG A 197 3.67 17.93 8.04
N PRO A 198 3.21 17.84 6.79
CA PRO A 198 2.74 16.53 6.29
C PRO A 198 3.80 15.44 6.11
N ASP A 199 5.08 15.80 5.94
CA ASP A 199 6.12 14.80 5.67
C ASP A 199 6.59 14.15 6.96
N SER A 200 6.42 12.83 7.08
CA SER A 200 6.84 12.09 8.27
C SER A 200 7.30 10.68 7.89
N LYS A 201 8.13 10.11 8.76
CA LYS A 201 8.53 8.71 8.66
C LYS A 201 8.55 8.10 10.05
N THR A 202 8.21 6.82 10.12
CA THR A 202 8.25 6.08 11.36
C THR A 202 8.86 4.71 11.12
N GLN A 203 9.33 4.10 12.21
CA GLN A 203 9.95 2.78 12.14
C GLN A 203 9.75 2.13 13.49
N VAL A 204 9.33 0.86 13.47
CA VAL A 204 9.01 0.12 14.68
C VAL A 204 9.76 -1.20 14.65
N THR A 205 10.51 -1.47 15.72
CA THR A 205 11.16 -2.76 15.93
C THR A 205 10.44 -3.50 17.05
N VAL A 206 9.95 -4.70 16.76
CA VAL A 206 9.26 -5.52 17.74
C VAL A 206 10.12 -6.74 18.03
N GLN A 207 10.16 -7.12 19.31
CA GLN A 207 10.70 -8.42 19.72
C GLN A 207 9.60 -9.46 19.69
N TYR A 208 9.85 -10.56 18.97
CA TYR A 208 8.90 -11.64 18.79
C TYR A 208 9.38 -12.94 19.43
N MET A 209 8.42 -13.84 19.66
N MET A 209 8.42 -13.84 19.64
CA MET A 209 8.68 -15.20 20.08
CA MET A 209 8.68 -15.20 20.07
C MET A 209 8.23 -16.16 18.97
C MET A 209 8.22 -16.16 18.98
N GLN A 210 8.97 -17.24 18.80
CA GLN A 210 8.62 -18.25 17.80
C GLN A 210 7.59 -19.21 18.42
N ASP A 211 6.58 -19.59 17.60
CA ASP A 211 5.51 -20.48 18.09
C ASP A 211 5.04 -21.43 16.97
N ARG A 212 5.79 -22.50 16.74
CA ARG A 212 5.43 -23.53 15.76
C ARG A 212 5.21 -22.92 14.37
N GLY A 213 6.12 -22.03 13.96
CA GLY A 213 6.01 -21.34 12.70
C GLY A 213 5.23 -20.03 12.75
N ALA A 214 4.34 -19.87 13.72
CA ALA A 214 3.70 -18.58 13.94
C ALA A 214 4.62 -17.67 14.75
N VAL A 215 4.23 -16.40 14.86
CA VAL A 215 5.03 -15.41 15.58
C VAL A 215 4.13 -14.70 16.59
N LEU A 216 4.69 -14.42 17.75
CA LEU A 216 3.96 -13.81 18.87
C LEU A 216 4.66 -12.53 19.30
N PRO A 217 4.05 -11.35 19.18
CA PRO A 217 4.71 -10.13 19.65
C PRO A 217 4.83 -10.14 21.16
N ILE A 218 5.98 -9.71 21.66
CA ILE A 218 6.24 -9.59 23.10
C ILE A 218 6.25 -8.14 23.55
N ARG A 219 7.00 -7.29 22.86
CA ARG A 219 7.21 -5.92 23.29
C ARG A 219 7.77 -5.12 22.13
N VAL A 220 7.58 -3.80 22.20
CA VAL A 220 8.22 -2.88 21.26
C VAL A 220 9.63 -2.58 21.74
N HIS A 221 10.61 -2.90 20.91
CA HIS A 221 12.03 -2.73 21.23
C HIS A 221 12.53 -1.33 20.90
N THR A 222 12.19 -0.80 19.72
CA THR A 222 12.65 0.52 19.29
C THR A 222 11.58 1.17 18.43
N ILE A 223 11.39 2.48 18.60
CA ILE A 223 10.57 3.29 17.72
C ILE A 223 11.40 4.47 17.22
N VAL A 224 11.35 4.71 15.92
CA VAL A 224 11.87 5.93 15.31
C VAL A 224 10.70 6.76 14.80
N ILE A 225 10.72 8.06 15.06
CA ILE A 225 9.83 9.00 14.38
C ILE A 225 10.62 10.23 13.95
N SER A 226 10.51 10.56 12.66
CA SER A 226 10.99 11.82 12.10
C SER A 226 9.81 12.48 11.42
N VAL A 227 9.52 13.72 11.75
CA VAL A 227 8.41 14.44 11.14
C VAL A 227 8.77 15.89 10.89
N GLN A 228 8.39 16.38 9.72
CA GLN A 228 8.63 17.76 9.35
C GLN A 228 7.87 18.72 10.27
N HIS A 229 8.49 19.86 10.58
CA HIS A 229 7.94 20.76 11.57
C HIS A 229 8.25 22.19 11.17
N ASP A 230 7.53 23.13 11.79
CA ASP A 230 7.75 24.54 11.55
C ASP A 230 9.02 25.04 12.25
N GLU A 231 9.44 26.25 11.88
CA GLU A 231 10.69 26.80 12.37
C GLU A 231 10.64 27.17 13.85
N GLU A 232 9.45 27.34 14.43
CA GLU A 232 9.33 27.93 15.75
C GLU A 232 9.42 26.91 16.89
N VAL A 233 9.04 25.66 16.67
CA VAL A 233 8.94 24.70 17.76
C VAL A 233 10.33 24.16 18.08
N CYS A 234 10.61 23.95 19.36
CA CYS A 234 11.93 23.46 19.74
C CYS A 234 11.95 21.93 19.77
N LEU A 235 13.17 21.38 19.75
CA LEU A 235 13.35 19.94 19.71
C LEU A 235 12.74 19.23 20.92
N ASP A 236 12.93 19.79 22.11
CA ASP A 236 12.40 19.15 23.32
C ASP A 236 10.87 19.13 23.33
N GLU A 237 10.24 20.22 22.92
CA GLU A 237 8.78 20.23 22.83
C GLU A 237 8.29 19.16 21.86
N MET A 238 8.94 19.02 20.71
CA MET A 238 8.52 18.02 19.74
C MET A 238 8.70 16.61 20.29
N ARG A 239 9.86 16.33 20.88
CA ARG A 239 10.13 14.97 21.36
C ARG A 239 9.18 14.57 22.47
N ASP A 240 8.87 15.49 23.39
CA ASP A 240 7.91 15.19 24.44
C ASP A 240 6.54 14.87 23.83
N ALA A 241 6.08 15.68 22.89
CA ALA A 241 4.78 15.44 22.25
C ALA A 241 4.74 14.13 21.50
N LEU A 242 5.82 13.79 20.78
CA LEU A 242 5.84 12.54 20.03
C LEU A 242 5.71 11.33 20.93
N LYS A 243 6.25 11.41 22.15
CA LYS A 243 6.16 10.29 23.08
CA LYS A 243 6.17 10.30 23.10
C LYS A 243 4.81 10.24 23.77
N GLU A 244 4.31 11.38 24.25
CA GLU A 244 3.09 11.41 25.05
C GLU A 244 1.81 11.42 24.22
N LYS A 245 1.80 12.15 23.10
CA LYS A 245 0.57 12.30 22.32
C LYS A 245 0.48 11.41 21.11
N VAL A 246 1.59 10.84 20.65
CA VAL A 246 1.56 9.97 19.48
C VAL A 246 1.79 8.52 19.89
N ILE A 247 3.00 8.20 20.34
CA ILE A 247 3.33 6.81 20.66
C ILE A 247 2.42 6.25 21.74
N LYS A 248 2.29 6.95 22.87
CA LYS A 248 1.49 6.40 23.96
C LYS A 248 0.01 6.32 23.58
N ALA A 249 -0.42 7.17 22.66
CA ALA A 249 -1.79 7.18 22.15
C ALA A 249 -2.07 6.11 21.11
N VAL A 250 -1.02 5.44 20.62
CA VAL A 250 -1.12 4.48 19.53
C VAL A 250 -0.75 3.06 19.97
N VAL A 251 0.36 2.92 20.69
CA VAL A 251 0.96 1.62 20.98
C VAL A 251 0.41 1.14 22.31
N PRO A 252 -0.23 -0.03 22.37
CA PRO A 252 -0.71 -0.55 23.66
C PRO A 252 0.40 -0.55 24.70
N ALA A 253 0.04 -0.12 25.91
CA ALA A 253 1.00 -0.04 27.00
C ALA A 253 1.67 -1.38 27.29
N LYS A 254 0.98 -2.49 27.04
CA LYS A 254 1.59 -3.80 27.32
C LYS A 254 2.83 -4.05 26.48
N TYR A 255 2.99 -3.36 25.35
CA TYR A 255 4.18 -3.55 24.53
C TYR A 255 5.30 -2.56 24.86
N LEU A 256 5.03 -1.54 25.67
CA LEU A 256 5.98 -0.48 25.98
C LEU A 256 6.45 -0.64 27.42
N ASP A 257 7.75 -0.52 27.64
CA ASP A 257 8.29 -0.65 28.99
C ASP A 257 9.49 0.28 29.15
N GLU A 258 10.13 0.18 30.31
CA GLU A 258 11.26 1.06 30.65
C GLU A 258 12.44 0.87 29.72
N ASP A 259 12.54 -0.28 29.04
CA ASP A 259 13.65 -0.57 28.16
C ASP A 259 13.43 -0.14 26.71
N THR A 260 12.21 0.24 26.34
CA THR A 260 11.96 0.63 24.95
C THR A 260 12.85 1.80 24.58
N ILE A 261 13.44 1.73 23.39
CA ILE A 261 14.33 2.76 22.87
C ILE A 261 13.55 3.66 21.93
N TYR A 262 13.70 4.97 22.10
CA TYR A 262 13.00 5.99 21.33
C TYR A 262 14.01 6.84 20.58
N HIS A 263 13.85 6.92 19.25
CA HIS A 263 14.65 7.81 18.42
C HIS A 263 13.68 8.81 17.80
N LEU A 264 13.52 9.95 18.46
CA LEU A 264 12.49 10.94 18.11
C LEU A 264 13.19 12.20 17.60
N GLN A 265 12.87 12.60 16.36
CA GLN A 265 13.60 13.64 15.67
C GLN A 265 15.11 13.42 15.78
N PRO A 266 15.60 12.25 15.40
CA PRO A 266 17.03 11.96 15.60
C PRO A 266 17.95 12.80 14.74
N SER A 267 17.46 13.40 13.65
CA SER A 267 18.31 14.30 12.87
C SER A 267 18.52 15.64 13.55
N GLY A 268 17.71 15.98 14.55
CA GLY A 268 17.83 17.25 15.24
C GLY A 268 17.11 18.41 14.58
N ARG A 269 16.81 18.32 13.29
CA ARG A 269 16.16 19.42 12.58
C ARG A 269 15.56 18.89 11.29
N PHE A 270 14.29 19.19 11.06
CA PHE A 270 13.55 18.69 9.91
C PHE A 270 12.53 19.76 9.52
N VAL A 271 13.03 20.93 9.12
CA VAL A 271 12.18 22.02 8.64
C VAL A 271 11.91 21.91 7.15
N ILE A 272 12.98 21.71 6.37
CA ILE A 272 12.83 21.41 4.96
C ILE A 272 12.32 19.98 4.80
N GLY A 273 11.26 19.82 4.03
CA GLY A 273 10.69 18.52 3.79
C GLY A 273 9.80 18.54 2.58
N GLY A 274 9.05 17.45 2.42
CA GLY A 274 8.29 17.25 1.20
C GLY A 274 9.21 17.14 0.00
N PRO A 275 8.66 17.39 -1.20
CA PRO A 275 9.51 17.32 -2.41
C PRO A 275 10.72 18.24 -2.39
N GLN A 276 10.67 19.36 -1.68
CA GLN A 276 11.85 20.21 -1.56
C GLN A 276 13.03 19.49 -0.90
N GLY A 277 12.74 18.65 0.11
CA GLY A 277 13.77 17.89 0.78
C GLY A 277 14.24 16.64 0.08
N ASP A 278 13.41 16.05 -0.78
CA ASP A 278 13.70 14.73 -1.34
C ASP A 278 12.78 14.43 -2.52
N ALA A 279 13.35 14.09 -3.66
CA ALA A 279 12.53 13.75 -4.81
C ALA A 279 11.63 12.56 -4.50
N GLY A 280 10.40 12.62 -4.99
CA GLY A 280 9.45 11.54 -4.88
C GLY A 280 9.15 10.88 -6.21
N LEU A 281 8.84 9.59 -6.16
CA LEU A 281 8.41 8.86 -7.35
C LEU A 281 7.31 7.88 -6.95
N THR A 282 6.40 7.65 -7.88
CA THR A 282 5.42 6.58 -7.70
C THR A 282 6.14 5.24 -7.58
N GLY A 283 5.62 4.38 -6.70
CA GLY A 283 6.08 3.01 -6.63
C GLY A 283 7.42 2.83 -5.95
N ARG A 284 7.79 3.74 -5.04
CA ARG A 284 9.04 3.64 -4.30
C ARG A 284 8.82 3.33 -2.82
N LYS A 285 7.60 2.97 -2.43
CA LYS A 285 7.28 2.57 -1.07
C LYS A 285 6.45 1.28 -1.09
N ILE A 286 6.88 0.32 -1.91
CA ILE A 286 6.06 -0.86 -2.17
C ILE A 286 6.05 -1.81 -0.98
N ILE A 287 7.04 -1.72 -0.10
CA ILE A 287 7.06 -2.56 1.09
C ILE A 287 6.24 -1.92 2.21
N VAL A 288 6.31 -0.59 2.31
CA VAL A 288 5.38 0.16 3.16
C VAL A 288 3.94 -0.11 2.73
N ASP A 289 3.71 -0.25 1.42
CA ASP A 289 2.37 -0.49 0.89
C ASP A 289 1.82 -1.87 1.23
N THR A 290 2.69 -2.83 1.61
CA THR A 290 2.27 -4.22 1.74
C THR A 290 2.53 -4.67 3.16
N TYR A 291 3.58 -5.45 3.41
CA TYR A 291 3.72 -6.19 4.65
C TYR A 291 4.95 -5.81 5.46
N GLY A 292 5.65 -4.73 5.10
CA GLY A 292 6.68 -4.20 5.96
C GLY A 292 7.90 -5.08 6.08
N GLY A 293 8.18 -5.90 5.07
CA GLY A 293 9.31 -6.80 5.07
C GLY A 293 8.94 -8.25 5.34
N TRP A 294 7.80 -8.47 5.98
CA TRP A 294 7.29 -9.82 6.19
C TRP A 294 6.77 -10.39 4.88
N GLY A 295 6.65 -11.71 4.82
CA GLY A 295 6.16 -12.32 3.59
C GLY A 295 7.18 -12.06 2.50
N ALA A 296 6.70 -11.61 1.34
CA ALA A 296 7.55 -11.40 0.18
C ALA A 296 6.88 -10.38 -0.71
N HIS A 297 7.62 -9.95 -1.74
CA HIS A 297 7.10 -9.01 -2.73
C HIS A 297 7.64 -9.42 -4.10
N GLY A 298 6.81 -9.27 -5.13
CA GLY A 298 7.20 -9.54 -6.49
C GLY A 298 7.82 -8.40 -7.27
N GLY A 299 7.79 -7.18 -6.73
CA GLY A 299 8.48 -6.03 -7.29
C GLY A 299 7.58 -4.96 -7.87
N GLY A 300 6.32 -5.30 -8.18
CA GLY A 300 5.45 -4.35 -8.87
C GLY A 300 4.85 -3.32 -7.92
N ALA A 301 4.72 -2.09 -8.42
CA ALA A 301 4.06 -1.03 -7.67
C ALA A 301 2.55 -1.12 -7.86
N PHE A 302 1.81 -0.56 -6.91
CA PHE A 302 0.35 -0.57 -7.01
C PHE A 302 -0.24 0.67 -7.65
N SER A 303 0.19 1.85 -7.23
CA SER A 303 -0.57 3.06 -7.54
C SER A 303 -0.43 3.44 -9.01
N GLY A 304 -1.52 3.99 -9.55
CA GLY A 304 -1.56 4.42 -10.93
C GLY A 304 -1.91 3.36 -11.95
N LYS A 305 -2.37 2.18 -11.54
CA LYS A 305 -2.56 1.07 -12.44
C LYS A 305 -4.01 0.58 -12.38
N ASP A 306 -4.61 0.38 -13.56
CA ASP A 306 -5.92 -0.23 -13.68
C ASP A 306 -5.85 -1.75 -13.50
N TYR A 307 -7.03 -2.37 -13.45
CA TYR A 307 -7.15 -3.76 -13.06
C TYR A 307 -6.42 -4.73 -13.98
N THR A 308 -6.19 -4.39 -15.25
CA THR A 308 -5.51 -5.33 -16.13
C THR A 308 -4.06 -5.50 -15.73
N LEU A 309 -3.51 -4.57 -14.96
CA LEU A 309 -2.12 -4.61 -14.53
C LEU A 309 -2.04 -5.43 -13.25
N VAL A 310 -1.73 -6.72 -13.42
CA VAL A 310 -1.75 -7.71 -12.36
C VAL A 310 -0.81 -7.39 -11.20
N ASP A 311 0.20 -6.53 -11.42
CA ASP A 311 1.03 -6.11 -10.30
C ASP A 311 0.19 -5.69 -9.10
N ARG A 312 -0.94 -5.02 -9.36
CA ARG A 312 -1.85 -4.60 -8.30
C ARG A 312 -2.95 -5.64 -8.07
N SER A 313 -3.77 -5.89 -9.08
CA SER A 313 -4.96 -6.73 -8.91
C SER A 313 -4.61 -8.12 -8.40
N ALA A 314 -3.53 -8.70 -8.91
CA ALA A 314 -3.16 -10.04 -8.45
C ALA A 314 -2.56 -10.02 -7.06
N ALA A 315 -1.87 -8.94 -6.70
CA ALA A 315 -1.43 -8.79 -5.31
C ALA A 315 -2.61 -8.66 -4.36
N TYR A 316 -3.63 -7.90 -4.78
CA TYR A 316 -4.85 -7.80 -3.98
C TYR A 316 -5.52 -9.16 -3.85
N ALA A 317 -5.62 -9.89 -4.96
CA ALA A 317 -6.21 -11.21 -4.92
C ALA A 317 -5.40 -12.16 -4.05
N ALA A 318 -4.07 -12.06 -4.11
CA ALA A 318 -3.23 -12.94 -3.30
C ALA A 318 -3.38 -12.66 -1.81
N ARG A 319 -3.50 -11.37 -1.43
CA ARG A 319 -3.85 -11.02 -0.06
C ARG A 319 -5.19 -11.64 0.32
N TRP A 320 -6.19 -11.50 -0.55
CA TRP A 320 -7.51 -12.05 -0.31
C TRP A 320 -7.45 -13.56 -0.06
N VAL A 321 -6.69 -14.29 -0.88
CA VAL A 321 -6.51 -15.72 -0.66
C VAL A 321 -5.87 -15.98 0.70
N ALA A 322 -4.75 -15.33 0.98
CA ALA A 322 -4.03 -15.57 2.22
C ALA A 322 -4.92 -15.32 3.45
N LYS A 323 -5.58 -14.17 3.48
CA LYS A 323 -6.45 -13.85 4.61
C LYS A 323 -7.60 -14.84 4.74
N SER A 324 -8.14 -15.30 3.60
CA SER A 324 -9.21 -16.30 3.67
C SER A 324 -8.71 -17.60 4.28
N LEU A 325 -7.48 -18.00 3.96
CA LEU A 325 -6.93 -19.21 4.57
C LEU A 325 -6.73 -19.05 6.07
N VAL A 326 -6.21 -17.91 6.51
CA VAL A 326 -5.97 -17.71 7.93
C VAL A 326 -7.28 -17.53 8.67
N LYS A 327 -8.15 -16.63 8.19
CA LYS A 327 -9.43 -16.42 8.85
C LYS A 327 -10.30 -17.68 8.78
N GLY A 328 -10.09 -18.52 7.78
CA GLY A 328 -10.80 -19.77 7.70
C GLY A 328 -10.27 -20.85 8.62
N GLY A 329 -9.19 -20.57 9.34
CA GLY A 329 -8.64 -21.50 10.31
C GLY A 329 -7.80 -22.61 9.73
N LEU A 330 -7.39 -22.49 8.47
CA LEU A 330 -6.57 -23.52 7.84
C LEU A 330 -5.10 -23.34 8.18
N CYS A 331 -4.69 -22.13 8.56
CA CYS A 331 -3.31 -21.86 8.94
CA CYS A 331 -3.31 -21.87 8.94
C CYS A 331 -3.27 -20.64 9.83
N ARG A 332 -2.11 -20.40 10.44
CA ARG A 332 -1.89 -19.22 11.27
C ARG A 332 -1.04 -18.18 10.56
N ARG A 333 -0.30 -18.58 9.53
CA ARG A 333 0.60 -17.68 8.82
CA ARG A 333 0.61 -17.69 8.83
C ARG A 333 0.87 -18.30 7.46
N VAL A 334 0.68 -17.53 6.39
CA VAL A 334 0.74 -18.12 5.05
C VAL A 334 1.24 -17.10 4.04
N LEU A 335 2.01 -17.59 3.07
CA LEU A 335 2.48 -16.81 1.93
C LEU A 335 1.95 -17.44 0.65
N VAL A 336 1.40 -16.62 -0.24
CA VAL A 336 0.85 -17.07 -1.52
C VAL A 336 1.60 -16.36 -2.63
N GLN A 337 2.12 -17.14 -3.60
CA GLN A 337 2.67 -16.58 -4.83
C GLN A 337 1.78 -16.90 -6.03
N VAL A 338 1.69 -15.93 -6.95
CA VAL A 338 1.12 -16.15 -8.28
C VAL A 338 2.02 -15.47 -9.29
N SER A 339 1.93 -15.92 -10.55
CA SER A 339 2.67 -15.30 -11.63
C SER A 339 1.85 -15.35 -12.92
N TYR A 340 2.21 -14.49 -13.87
CA TYR A 340 1.46 -14.32 -15.10
C TYR A 340 2.40 -14.11 -16.27
N ALA A 341 1.88 -14.33 -17.47
CA ALA A 341 2.51 -13.90 -18.70
C ALA A 341 1.61 -12.87 -19.39
N ILE A 342 2.24 -11.84 -19.97
CA ILE A 342 1.47 -10.86 -20.74
C ILE A 342 0.67 -11.57 -21.81
N GLY A 343 -0.62 -11.22 -21.93
CA GLY A 343 -1.49 -11.78 -22.94
C GLY A 343 -2.16 -13.08 -22.56
N VAL A 344 -1.81 -13.68 -21.42
CA VAL A 344 -2.34 -14.96 -20.99
C VAL A 344 -3.23 -14.71 -19.77
N SER A 345 -4.43 -15.31 -19.78
CA SER A 345 -5.40 -15.05 -18.72
CA SER A 345 -5.40 -15.05 -18.72
C SER A 345 -5.10 -15.85 -17.47
N HIS A 346 -4.87 -17.15 -17.62
CA HIS A 346 -4.69 -18.00 -16.45
C HIS A 346 -3.30 -17.79 -15.86
N PRO A 347 -3.15 -17.86 -14.54
CA PRO A 347 -1.82 -17.73 -13.93
CA PRO A 347 -1.82 -17.72 -13.94
C PRO A 347 -0.90 -18.83 -14.39
N LEU A 348 0.40 -18.53 -14.45
CA LEU A 348 1.38 -19.53 -14.83
C LEU A 348 1.75 -20.42 -13.66
N SER A 349 1.71 -19.90 -12.44
CA SER A 349 2.08 -20.67 -11.26
C SER A 349 1.30 -20.15 -10.06
N ILE A 350 1.06 -21.05 -9.11
CA ILE A 350 0.49 -20.69 -7.82
C ILE A 350 1.20 -21.54 -6.76
N SER A 351 1.57 -20.90 -5.66
CA SER A 351 2.31 -21.59 -4.60
C SER A 351 1.82 -21.12 -3.25
N ILE A 352 1.79 -22.04 -2.28
CA ILE A 352 1.32 -21.76 -0.94
C ILE A 352 2.39 -22.19 0.06
N PHE A 353 2.76 -21.29 0.96
CA PHE A 353 3.74 -21.57 2.01
C PHE A 353 3.10 -21.22 3.34
N HIS A 354 2.93 -22.21 4.21
CA HIS A 354 2.19 -22.01 5.46
C HIS A 354 3.09 -22.05 6.69
N TYR A 355 4.41 -22.07 6.51
CA TYR A 355 5.38 -21.95 7.60
C TYR A 355 5.25 -23.08 8.63
N GLY A 356 4.61 -24.18 8.26
CA GLY A 356 4.34 -25.25 9.20
C GLY A 356 3.19 -25.00 10.14
N THR A 357 2.33 -24.01 9.84
CA THR A 357 1.27 -23.59 10.75
C THR A 357 -0.08 -24.19 10.38
N SER A 358 -0.10 -25.26 9.60
CA SER A 358 -1.32 -25.96 9.26
C SER A 358 -1.11 -27.45 9.45
N GLN A 359 -2.19 -28.16 9.79
CA GLN A 359 -2.18 -29.61 9.71
C GLN A 359 -2.22 -30.11 8.27
N LYS A 360 -2.80 -29.33 7.36
CA LYS A 360 -2.82 -29.71 5.96
C LYS A 360 -1.49 -29.41 5.29
N SER A 361 -1.14 -30.23 4.31
CA SER A 361 0.06 -29.96 3.54
C SER A 361 -0.15 -28.73 2.67
N GLU A 362 0.96 -28.13 2.25
CA GLU A 362 0.90 -27.02 1.30
C GLU A 362 0.22 -27.44 0.00
N ARG A 363 0.47 -28.67 -0.45
CA ARG A 363 -0.23 -29.19 -1.63
C ARG A 363 -1.74 -29.19 -1.44
N GLU A 364 -2.22 -29.64 -0.27
CA GLU A 364 -3.65 -29.61 0.00
C GLU A 364 -4.21 -28.19 -0.01
N LEU A 365 -3.50 -27.25 0.61
CA LEU A 365 -3.97 -25.87 0.58
C LEU A 365 -4.05 -25.33 -0.85
N LEU A 366 -3.06 -25.68 -1.68
CA LEU A 366 -3.09 -25.22 -3.06
C LEU A 366 -4.32 -25.75 -3.80
N GLU A 367 -4.66 -27.02 -3.58
CA GLU A 367 -5.88 -27.58 -4.17
C GLU A 367 -7.13 -26.84 -3.70
N ILE A 368 -7.18 -26.50 -2.41
CA ILE A 368 -8.32 -25.73 -1.89
C ILE A 368 -8.41 -24.37 -2.56
N VAL A 369 -7.28 -23.68 -2.71
CA VAL A 369 -7.28 -22.38 -3.38
C VAL A 369 -7.83 -22.51 -4.80
N LYS A 370 -7.37 -23.52 -5.53
CA LYS A 370 -7.79 -23.66 -6.92
C LYS A 370 -9.27 -23.97 -7.05
N LYS A 371 -9.86 -24.67 -6.08
CA LYS A 371 -11.28 -24.94 -6.12
C LYS A 371 -12.15 -23.75 -5.75
N ASN A 372 -11.60 -22.80 -4.99
CA ASN A 372 -12.36 -21.69 -4.46
C ASN A 372 -12.10 -20.35 -5.13
N PHE A 373 -11.00 -20.20 -5.86
CA PHE A 373 -10.62 -18.94 -6.45
C PHE A 373 -10.36 -19.11 -7.94
N ASP A 374 -10.69 -18.06 -8.68
CA ASP A 374 -10.39 -17.95 -10.10
C ASP A 374 -9.57 -16.68 -10.27
N LEU A 375 -8.26 -16.84 -10.51
CA LEU A 375 -7.33 -15.73 -10.48
C LEU A 375 -7.04 -15.18 -11.87
N ARG A 376 -7.93 -15.40 -12.82
CA ARG A 376 -7.86 -14.65 -14.07
C ARG A 376 -8.13 -13.18 -13.78
N PRO A 377 -7.40 -12.26 -14.41
CA PRO A 377 -7.65 -10.83 -14.13
C PRO A 377 -9.08 -10.41 -14.47
N GLY A 378 -9.68 -10.99 -15.49
CA GLY A 378 -11.05 -10.65 -15.82
C GLY A 378 -12.10 -11.23 -14.90
N VAL A 379 -11.69 -12.07 -13.96
CA VAL A 379 -12.56 -12.51 -12.87
C VAL A 379 -12.27 -11.74 -11.59
N ILE A 380 -11.00 -11.56 -11.26
CA ILE A 380 -10.62 -10.75 -10.10
C ILE A 380 -11.34 -9.41 -10.13
N VAL A 381 -11.40 -8.77 -11.30
CA VAL A 381 -12.01 -7.45 -11.40
C VAL A 381 -13.45 -7.48 -10.89
N ARG A 382 -14.19 -8.55 -11.18
CA ARG A 382 -15.57 -8.66 -10.70
C ARG A 382 -15.61 -8.94 -9.20
N ASP A 383 -14.80 -9.91 -8.74
CA ASP A 383 -14.82 -10.29 -7.34
C ASP A 383 -14.39 -9.15 -6.42
N LEU A 384 -13.42 -8.34 -6.84
CA LEU A 384 -12.87 -7.31 -5.98
C LEU A 384 -13.31 -5.91 -6.39
N ASP A 385 -14.22 -5.82 -7.37
CA ASP A 385 -14.83 -4.55 -7.79
C ASP A 385 -13.80 -3.50 -8.21
N LEU A 386 -12.86 -3.90 -9.06
CA LEU A 386 -11.67 -3.08 -9.28
C LEU A 386 -11.88 -1.99 -10.32
N LYS A 387 -13.09 -1.83 -10.86
CA LYS A 387 -13.40 -0.64 -11.65
C LYS A 387 -13.93 0.51 -10.80
N LYS A 388 -14.16 0.28 -9.51
CA LYS A 388 -14.68 1.32 -8.65
C LYS A 388 -13.57 2.33 -8.32
N PRO A 389 -13.85 3.63 -8.39
CA PRO A 389 -12.79 4.63 -8.16
C PRO A 389 -12.52 4.87 -6.67
N ILE A 390 -12.00 3.84 -5.99
CA ILE A 390 -11.66 3.92 -4.57
C ILE A 390 -10.16 3.85 -4.33
N TYR A 391 -9.35 3.96 -5.39
CA TYR A 391 -7.92 3.67 -5.28
C TYR A 391 -7.15 4.71 -4.47
N GLN A 392 -7.54 5.99 -4.53
CA GLN A 392 -6.81 6.98 -3.76
C GLN A 392 -6.83 6.66 -2.27
N ARG A 393 -7.90 6.02 -1.78
CA ARG A 393 -7.97 5.64 -0.38
C ARG A 393 -6.91 4.60 0.00
N THR A 394 -6.39 3.83 -0.96
CA THR A 394 -5.39 2.81 -0.68
C THR A 394 -3.96 3.33 -0.62
N ALA A 395 -3.70 4.55 -1.09
CA ALA A 395 -2.34 4.98 -1.43
C ALA A 395 -1.56 5.57 -0.26
N ALA A 396 -2.13 5.57 0.94
CA ALA A 396 -1.37 5.87 2.14
C ALA A 396 -1.81 4.95 3.26
N TYR A 397 -0.88 4.65 4.17
CA TYR A 397 -1.14 3.84 5.35
C TYR A 397 -1.36 2.37 5.03
N GLY A 398 -0.88 1.93 3.87
CA GLY A 398 -0.91 0.52 3.49
C GLY A 398 -2.18 0.15 2.75
N HIS A 399 -2.04 -0.80 1.83
CA HIS A 399 -3.16 -1.28 1.03
C HIS A 399 -3.93 -2.37 1.74
N PHE A 400 -3.37 -2.96 2.79
CA PHE A 400 -3.89 -4.15 3.45
C PHE A 400 -4.16 -3.83 4.91
N GLY A 401 -5.05 -4.62 5.51
CA GLY A 401 -5.35 -4.55 6.91
C GLY A 401 -6.29 -3.44 7.33
N ARG A 402 -6.97 -2.78 6.39
CA ARG A 402 -7.78 -1.61 6.72
C ARG A 402 -9.10 -1.64 5.95
N ASP A 403 -10.03 -0.78 6.39
CA ASP A 403 -11.11 -0.25 5.57
C ASP A 403 -11.99 -1.29 4.88
N SER A 404 -11.85 -2.57 5.23
CA SER A 404 -12.73 -3.61 4.71
C SER A 404 -12.91 -3.48 3.20
N PHE A 405 -11.81 -3.18 2.51
CA PHE A 405 -11.82 -3.31 1.05
C PHE A 405 -12.19 -4.74 0.68
N PRO A 406 -12.61 -4.96 -0.57
CA PRO A 406 -13.08 -6.31 -0.93
C PRO A 406 -12.04 -7.39 -0.68
N TRP A 407 -10.75 -7.08 -0.89
CA TRP A 407 -9.69 -8.06 -0.66
C TRP A 407 -9.43 -8.32 0.81
N GLU A 408 -10.05 -7.55 1.70
CA GLU A 408 -9.93 -7.74 3.14
C GLU A 408 -11.12 -8.51 3.73
N VAL A 409 -12.12 -8.81 2.93
CA VAL A 409 -13.31 -9.53 3.38
C VAL A 409 -13.11 -11.00 3.00
N PRO A 410 -12.78 -11.89 3.94
CA PRO A 410 -12.40 -13.25 3.56
CA PRO A 410 -12.40 -13.26 3.58
C PRO A 410 -13.53 -13.98 2.85
N LYS A 411 -13.14 -14.87 1.94
CA LYS A 411 -14.07 -15.75 1.25
CA LYS A 411 -14.07 -15.74 1.25
C LYS A 411 -14.29 -17.01 2.07
N LYS A 412 -15.54 -17.43 2.17
CA LYS A 412 -15.87 -18.69 2.82
CA LYS A 412 -15.86 -18.69 2.82
C LYS A 412 -15.43 -19.84 1.93
N LEU A 413 -14.52 -20.68 2.43
CA LEU A 413 -13.93 -21.72 1.61
C LEU A 413 -14.72 -23.02 1.73
N LYS A 414 -14.88 -23.70 0.59
CA LYS A 414 -15.50 -25.00 0.52
C LYS A 414 -14.43 -26.07 0.33
N TYR A 415 -14.47 -27.12 1.14
CA TYR A 415 -13.47 -28.17 1.05
C TYR A 415 -13.92 -29.35 1.91
#